data_4NU3
#
_entry.id   4NU3
#
_cell.length_a   31.681
_cell.length_b   51.459
_cell.length_c   75.230
_cell.angle_alpha   104.41
_cell.angle_beta   96.85
_cell.angle_gamma   97.67
#
_symmetry.space_group_name_H-M   'P 1'
#
loop_
_entity.id
_entity.type
_entity.pdbx_description
1 polymer 'ice-binding protein'
2 non-polymer 'SULFATE ION'
3 non-polymer 'SODIUM ION'
4 water water
#
_entity_poly.entity_id   1
_entity_poly.type   'polypeptide(L)'
_entity_poly.pdbx_seq_one_letter_code
;SLSVANSTYETTALNSQKSSTDQPNSGSKSGQTLDLVNLGVAANFAILSKTGITDVYKSAITGDIGVSPAAATYITGFGL
TQDSSTTYATSPQVTGLIYAADYSTPTPSRLTTAVGDMQIAYDNAAGRLNPDFLNLGAGTIGGKTLTPGLYKWTSTLNIP
TDITISGSSTDVWIFQVAGNLNMSSAVRITLAGGAQAKNIFWQTAGAVTLGSTSHFEGNILSQTGINMKTAASINGRMMA
QTAVTLQMNTVTIPQ
;
_entity_poly.pdbx_strand_id   A,B
#
loop_
_chem_comp.id
_chem_comp.type
_chem_comp.name
_chem_comp.formula
NA non-polymer 'SODIUM ION' 'Na 1'
SO4 non-polymer 'SULFATE ION' 'O4 S -2'
#
# COMPACT_ATOMS: atom_id res chain seq x y z
N SER A 30 3.71 -30.17 -32.89
CA SER A 30 5.18 -30.39 -32.98
C SER A 30 5.91 -29.18 -32.41
N GLY A 31 7.23 -29.26 -32.31
CA GLY A 31 7.95 -28.11 -31.82
C GLY A 31 8.25 -28.21 -30.36
N GLN A 32 8.24 -27.11 -29.65
CA GLN A 32 8.60 -27.12 -28.26
C GLN A 32 7.62 -27.96 -27.48
N THR A 33 8.15 -28.85 -26.62
CA THR A 33 7.32 -29.78 -25.91
C THR A 33 6.70 -29.23 -24.62
N LEU A 34 7.29 -28.22 -24.08
CA LEU A 34 6.81 -27.66 -22.83
C LEU A 34 5.49 -26.99 -22.95
N ASP A 35 4.45 -27.49 -22.28
CA ASP A 35 3.12 -26.94 -22.50
C ASP A 35 2.86 -25.66 -21.68
N LEU A 36 2.04 -24.78 -22.22
CA LEU A 36 1.55 -23.61 -21.53
C LEU A 36 0.88 -24.02 -20.23
N VAL A 37 0.86 -23.09 -19.27
CA VAL A 37 0.05 -23.22 -18.07
C VAL A 37 -1.33 -22.67 -18.45
N ASN A 38 -2.33 -23.48 -18.22
CA ASN A 38 -3.72 -23.09 -18.39
C ASN A 38 -4.21 -22.29 -17.16
N LEU A 39 -4.58 -21.03 -17.38
CA LEU A 39 -5.09 -20.19 -16.29
C LEU A 39 -6.60 -20.30 -16.12
N GLY A 40 -7.31 -20.94 -17.04
CA GLY A 40 -8.76 -20.98 -16.94
C GLY A 40 -9.34 -19.57 -16.93
N VAL A 41 -10.35 -19.36 -16.06
CA VAL A 41 -11.09 -18.10 -15.99
C VAL A 41 -10.18 -17.04 -15.37
N ALA A 42 -9.13 -17.40 -14.65
CA ALA A 42 -8.15 -16.40 -14.16
C ALA A 42 -7.49 -15.60 -15.31
N ALA A 43 -7.45 -16.13 -16.57
CA ALA A 43 -6.88 -15.41 -17.67
C ALA A 43 -7.66 -14.13 -17.91
N ASN A 44 -8.86 -13.99 -17.38
CA ASN A 44 -9.65 -12.78 -17.65
C ASN A 44 -9.39 -11.61 -16.76
N PHE A 45 -8.40 -11.72 -15.91
CA PHE A 45 -7.99 -10.71 -14.94
C PHE A 45 -6.57 -10.25 -15.17
N ALA A 46 -6.37 -8.92 -15.04
CA ALA A 46 -5.03 -8.42 -14.91
C ALA A 46 -4.54 -8.64 -13.49
N ILE A 47 -5.45 -8.60 -12.48
CA ILE A 47 -5.10 -8.80 -11.08
C ILE A 47 -6.21 -9.68 -10.46
N LEU A 48 -5.81 -10.75 -9.72
CA LEU A 48 -6.69 -11.55 -9.04
C LEU A 48 -6.05 -11.94 -7.73
N SER A 49 -6.76 -11.69 -6.63
CA SER A 49 -6.21 -12.12 -5.34
C SER A 49 -7.29 -12.63 -4.44
N LYS A 50 -6.84 -13.20 -3.32
CA LYS A 50 -7.76 -13.75 -2.34
C LYS A 50 -8.13 -12.87 -1.19
N THR A 51 -7.19 -12.04 -0.75
CA THR A 51 -7.36 -11.32 0.51
C THR A 51 -7.41 -9.85 0.28
N GLY A 52 -6.99 -9.35 -0.85
CA GLY A 52 -7.18 -7.92 -1.05
C GLY A 52 -6.27 -7.33 -2.07
N ILE A 53 -6.61 -6.11 -2.48
CA ILE A 53 -5.76 -5.34 -3.35
C ILE A 53 -5.63 -3.94 -2.75
N THR A 54 -4.38 -3.51 -2.45
CA THR A 54 -4.11 -2.19 -1.83
C THR A 54 -3.45 -1.32 -2.90
N ASP A 55 -4.02 -0.15 -3.21
CA ASP A 55 -3.48 0.76 -4.23
C ASP A 55 -3.25 2.13 -3.56
N VAL A 56 -2.11 2.71 -3.87
CA VAL A 56 -1.88 4.10 -3.53
C VAL A 56 -1.38 4.88 -4.74
N TYR A 57 -1.62 6.16 -4.74
CA TYR A 57 -1.38 7.07 -5.82
C TYR A 57 -2.27 6.64 -7.01
N LYS A 58 -1.96 7.07 -8.26
CA LYS A 58 -2.83 6.77 -9.41
C LYS A 58 -2.16 5.74 -10.30
N SER A 59 -2.65 4.50 -10.23
CA SER A 59 -2.31 3.40 -11.12
C SER A 59 -3.14 3.44 -12.40
N ALA A 60 -2.67 2.72 -13.37
CA ALA A 60 -3.35 2.54 -14.69
C ALA A 60 -3.39 1.09 -15.00
N ILE A 61 -4.51 0.50 -14.69
CA ILE A 61 -4.71 -0.93 -14.87
C ILE A 61 -5.51 -1.14 -16.19
N THR A 62 -5.09 -2.10 -17.03
CA THR A 62 -5.84 -2.54 -18.23
C THR A 62 -6.16 -3.96 -17.99
N GLY A 63 -7.48 -4.27 -18.02
CA GLY A 63 -8.00 -5.49 -17.68
C GLY A 63 -8.73 -5.52 -16.35
N ASP A 64 -9.44 -6.59 -16.13
CA ASP A 64 -10.31 -6.75 -15.00
C ASP A 64 -9.54 -7.08 -13.71
N ILE A 65 -10.11 -6.72 -12.54
CA ILE A 65 -9.48 -7.03 -11.24
C ILE A 65 -10.49 -7.68 -10.36
N GLY A 66 -10.04 -8.67 -9.61
CA GLY A 66 -10.96 -9.36 -8.74
C GLY A 66 -10.37 -9.86 -7.46
N VAL A 67 -11.25 -10.03 -6.45
N VAL A 67 -11.22 -9.91 -6.42
CA VAL A 67 -10.88 -10.47 -5.11
CA VAL A 67 -10.89 -10.56 -5.14
C VAL A 67 -11.96 -11.46 -4.61
C VAL A 67 -11.96 -11.51 -4.66
N SER A 68 -11.49 -12.63 -4.14
CA SER A 68 -12.34 -13.64 -3.52
C SER A 68 -11.47 -14.63 -2.76
N PRO A 69 -11.88 -15.05 -1.54
CA PRO A 69 -13.14 -14.84 -0.91
C PRO A 69 -13.35 -13.52 -0.20
N ALA A 70 -12.34 -12.65 -0.12
CA ALA A 70 -12.57 -11.36 0.52
C ALA A 70 -13.58 -10.52 -0.24
N ALA A 71 -14.17 -9.58 0.49
CA ALA A 71 -15.18 -8.67 -0.04
C ALA A 71 -14.55 -7.44 -0.61
N ALA A 72 -15.38 -6.62 -1.25
CA ALA A 72 -14.93 -5.41 -1.94
C ALA A 72 -14.31 -4.37 -1.02
N THR A 73 -14.64 -4.43 0.25
CA THR A 73 -14.03 -3.57 1.26
C THR A 73 -12.51 -3.79 1.35
N TYR A 74 -12.01 -4.95 0.84
CA TYR A 74 -10.58 -5.24 0.80
C TYR A 74 -9.90 -4.81 -0.47
N ILE A 75 -10.59 -4.03 -1.30
CA ILE A 75 -9.99 -3.35 -2.44
C ILE A 75 -9.95 -1.88 -2.10
N THR A 76 -8.75 -1.36 -1.92
N THR A 76 -8.75 -1.38 -1.79
CA THR A 76 -8.61 -0.04 -1.32
CA THR A 76 -8.60 0.00 -1.29
C THR A 76 -7.76 0.86 -2.19
C THR A 76 -7.77 0.86 -2.20
N GLY A 77 -8.15 2.13 -2.28
CA GLY A 77 -7.39 3.10 -3.01
C GLY A 77 -7.79 3.34 -4.49
N PHE A 78 -8.78 2.58 -4.94
CA PHE A 78 -9.14 2.72 -6.36
C PHE A 78 -10.24 3.77 -6.61
N GLY A 79 -10.79 4.36 -5.56
CA GLY A 79 -11.92 5.31 -5.82
C GLY A 79 -13.11 4.55 -6.39
N LEU A 80 -13.29 3.36 -5.87
CA LEU A 80 -14.25 2.39 -6.34
C LEU A 80 -15.68 2.94 -6.28
N THR A 81 -16.44 2.83 -7.37
CA THR A 81 -17.84 3.24 -7.39
C THR A 81 -18.69 2.13 -7.90
N GLN A 82 -19.76 1.86 -7.16
CA GLN A 82 -20.69 0.85 -7.57
C GLN A 82 -22.03 1.51 -7.71
N ASP A 83 -22.24 2.17 -8.84
CA ASP A 83 -23.37 3.08 -9.00
C ASP A 83 -24.46 2.59 -9.95
N SER A 84 -24.20 1.50 -10.65
CA SER A 84 -25.05 1.08 -11.75
C SER A 84 -25.28 -0.45 -11.85
N SER A 85 -24.30 -1.22 -11.47
CA SER A 85 -24.41 -2.66 -11.49
C SER A 85 -24.18 -3.16 -10.12
N THR A 86 -24.89 -4.19 -9.68
CA THR A 86 -24.52 -4.90 -8.48
C THR A 86 -23.53 -6.03 -8.76
N THR A 87 -23.14 -6.25 -10.02
CA THR A 87 -22.19 -7.36 -10.38
C THR A 87 -20.74 -6.91 -10.42
N TYR A 88 -20.51 -5.62 -10.54
CA TYR A 88 -19.16 -5.09 -10.68
C TYR A 88 -19.12 -3.64 -10.18
N ALA A 89 -17.89 -3.13 -10.04
CA ALA A 89 -17.60 -1.77 -9.79
C ALA A 89 -16.65 -1.19 -10.77
N THR A 90 -16.54 0.14 -10.78
CA THR A 90 -15.72 0.87 -11.70
C THR A 90 -14.72 1.73 -10.95
N SER A 91 -13.62 2.07 -11.59
CA SER A 91 -12.58 2.99 -11.07
C SER A 91 -11.97 3.78 -12.18
N PRO A 92 -11.60 5.07 -11.95
CA PRO A 92 -10.89 5.87 -12.97
C PRO A 92 -9.53 5.31 -13.27
N GLN A 93 -8.96 4.48 -12.39
CA GLN A 93 -7.68 3.92 -12.59
C GLN A 93 -7.67 2.58 -13.38
N VAL A 94 -8.87 2.11 -13.70
CA VAL A 94 -8.99 0.77 -14.30
C VAL A 94 -9.76 0.86 -15.63
N THR A 95 -9.07 0.49 -16.74
CA THR A 95 -9.72 0.27 -18.05
C THR A 95 -10.12 -1.16 -17.97
N GLY A 96 -11.27 -1.40 -17.37
CA GLY A 96 -11.68 -2.71 -16.98
C GLY A 96 -12.66 -2.62 -15.83
N LEU A 97 -13.04 -3.77 -15.30
CA LEU A 97 -14.07 -3.77 -14.21
C LEU A 97 -13.55 -4.44 -12.94
N ILE A 98 -14.13 -4.02 -11.81
CA ILE A 98 -13.71 -4.60 -10.53
C ILE A 98 -14.79 -5.57 -10.02
N TYR A 99 -14.35 -6.77 -9.57
CA TYR A 99 -15.23 -7.86 -9.13
C TYR A 99 -14.81 -8.23 -7.68
N ALA A 100 -15.78 -8.49 -6.85
CA ALA A 100 -15.58 -8.89 -5.44
C ALA A 100 -16.58 -9.91 -5.03
N ALA A 101 -16.23 -10.74 -4.04
CA ALA A 101 -16.99 -11.94 -3.59
C ALA A 101 -18.36 -11.63 -3.14
N ASP A 102 -18.64 -10.38 -2.72
CA ASP A 102 -19.94 -10.02 -2.18
C ASP A 102 -20.91 -9.39 -3.18
N TYR A 103 -20.47 -9.33 -4.43
CA TYR A 103 -21.33 -8.79 -5.49
C TYR A 103 -22.40 -9.83 -5.89
N SER A 104 -23.26 -9.46 -6.81
CA SER A 104 -24.42 -10.32 -7.14
C SER A 104 -24.03 -11.27 -8.30
N THR A 105 -24.87 -12.30 -8.55
CA THR A 105 -24.70 -13.30 -9.60
C THR A 105 -24.48 -12.65 -10.95
N PRO A 106 -23.50 -13.10 -11.71
CA PRO A 106 -22.71 -14.37 -11.57
C PRO A 106 -21.40 -14.20 -10.81
N THR A 107 -21.18 -13.02 -10.22
CA THR A 107 -19.79 -12.68 -9.80
C THR A 107 -19.19 -13.60 -8.71
N PRO A 108 -19.95 -13.93 -7.64
CA PRO A 108 -19.33 -14.80 -6.63
C PRO A 108 -18.90 -16.09 -7.16
N SER A 109 -19.75 -16.70 -7.98
CA SER A 109 -19.40 -18.06 -8.48
C SER A 109 -18.27 -18.01 -9.49
N ARG A 110 -18.28 -17.02 -10.35
CA ARG A 110 -17.24 -16.83 -11.30
C ARG A 110 -15.88 -16.55 -10.59
N LEU A 111 -15.93 -15.78 -9.51
CA LEU A 111 -14.65 -15.49 -8.78
C LEU A 111 -14.17 -16.76 -8.09
N THR A 112 -15.09 -17.52 -7.53
CA THR A 112 -14.66 -18.78 -6.89
C THR A 112 -14.01 -19.66 -7.93
N THR A 113 -14.63 -19.75 -9.11
CA THR A 113 -14.02 -20.54 -10.20
C THR A 113 -12.61 -20.01 -10.50
N ALA A 114 -12.54 -18.69 -10.67
CA ALA A 114 -11.27 -18.07 -11.06
C ALA A 114 -10.17 -18.40 -10.08
N VAL A 115 -10.48 -18.21 -8.82
CA VAL A 115 -9.52 -18.48 -7.75
C VAL A 115 -9.11 -19.95 -7.71
N GLY A 116 -10.13 -20.81 -7.96
CA GLY A 116 -9.84 -22.24 -8.05
C GLY A 116 -8.93 -22.58 -9.25
N ASP A 117 -9.09 -21.86 -10.35
CA ASP A 117 -8.20 -21.98 -11.51
C ASP A 117 -6.85 -21.40 -11.25
N MET A 118 -6.72 -20.28 -10.55
CA MET A 118 -5.41 -19.84 -10.04
C MET A 118 -4.68 -20.90 -9.24
N GLN A 119 -5.39 -21.57 -8.37
CA GLN A 119 -4.75 -22.58 -7.57
C GLN A 119 -4.30 -23.69 -8.39
N ILE A 120 -5.22 -24.16 -9.23
CA ILE A 120 -4.76 -25.20 -10.18
C ILE A 120 -3.50 -24.83 -11.07
N ALA A 121 -3.51 -23.61 -11.60
CA ALA A 121 -2.38 -23.17 -12.42
C ALA A 121 -1.10 -23.11 -11.59
N TYR A 122 -1.20 -22.58 -10.38
CA TYR A 122 -0.09 -22.60 -9.52
C TYR A 122 0.55 -23.93 -9.28
N ASP A 123 -0.26 -24.89 -8.86
CA ASP A 123 0.17 -26.28 -8.71
C ASP A 123 0.67 -26.79 -10.05
N ASN A 124 0.04 -26.44 -11.17
CA ASN A 124 0.44 -27.00 -12.46
C ASN A 124 1.89 -26.48 -12.80
N ALA A 125 2.11 -25.20 -12.63
CA ALA A 125 3.45 -24.63 -12.90
C ALA A 125 4.49 -25.19 -11.93
N ALA A 126 4.16 -25.24 -10.63
CA ALA A 126 5.07 -25.72 -9.61
C ALA A 126 5.40 -27.17 -9.79
N GLY A 127 4.51 -27.93 -10.44
CA GLY A 127 4.68 -29.36 -10.56
C GLY A 127 5.29 -29.90 -11.80
N ARG A 128 5.73 -29.03 -12.70
CA ARG A 128 6.46 -29.50 -13.89
C ARG A 128 7.81 -30.09 -13.46
N LEU A 129 8.26 -31.07 -14.25
CA LEU A 129 9.47 -31.82 -13.98
C LEU A 129 10.43 -31.71 -15.17
N ASN A 130 11.67 -32.16 -14.95
CA ASN A 130 12.72 -32.19 -15.91
C ASN A 130 13.07 -30.78 -16.36
N PRO A 131 13.52 -29.96 -15.44
CA PRO A 131 13.84 -28.59 -15.80
C PRO A 131 15.03 -28.52 -16.71
N ASP A 132 14.97 -27.55 -17.60
CA ASP A 132 16.09 -27.23 -18.46
C ASP A 132 17.21 -26.52 -17.76
N PHE A 133 16.86 -25.79 -16.69
CA PHE A 133 17.87 -25.01 -15.94
C PHE A 133 17.62 -25.18 -14.47
N LEU A 134 18.66 -25.48 -13.68
CA LEU A 134 18.48 -25.73 -12.24
C LEU A 134 19.41 -24.82 -11.50
N ASN A 135 18.81 -23.95 -10.68
CA ASN A 135 19.61 -23.07 -9.79
C ASN A 135 20.60 -22.23 -10.61
N LEU A 136 20.10 -21.69 -11.74
CA LEU A 136 20.86 -20.79 -12.62
C LEU A 136 21.30 -19.57 -11.77
N GLY A 137 22.58 -19.19 -11.85
CA GLY A 137 23.09 -18.09 -11.10
C GLY A 137 23.10 -18.23 -9.59
N ALA A 138 22.88 -19.45 -9.10
CA ALA A 138 22.65 -19.71 -7.68
C ALA A 138 21.58 -18.78 -7.10
N GLY A 139 20.59 -18.42 -7.90
CA GLY A 139 19.55 -17.58 -7.36
C GLY A 139 19.61 -16.10 -7.62
N THR A 140 20.68 -15.62 -8.26
CA THR A 140 20.75 -14.21 -8.72
C THR A 140 21.16 -14.19 -10.17
N ILE A 141 20.27 -13.58 -10.98
CA ILE A 141 20.31 -13.74 -12.46
C ILE A 141 20.43 -12.42 -13.25
N GLY A 142 20.89 -11.37 -12.59
CA GLY A 142 21.09 -10.11 -13.23
C GLY A 142 21.96 -10.28 -14.49
N GLY A 143 21.60 -9.67 -15.59
CA GLY A 143 22.39 -9.72 -16.78
C GLY A 143 22.23 -10.93 -17.66
N LYS A 144 21.52 -11.94 -17.20
CA LYS A 144 21.31 -13.11 -18.04
C LYS A 144 20.25 -12.97 -19.14
N THR A 145 20.40 -13.80 -20.14
CA THR A 145 19.49 -14.02 -21.27
C THR A 145 18.83 -15.40 -21.04
N LEU A 146 17.54 -15.43 -20.80
CA LEU A 146 16.80 -16.59 -20.48
C LEU A 146 16.14 -17.19 -21.70
N THR A 147 16.74 -18.28 -22.13
CA THR A 147 16.25 -18.94 -23.35
C THR A 147 15.00 -19.85 -22.95
N PRO A 148 14.24 -20.43 -23.91
CA PRO A 148 12.98 -21.05 -23.57
C PRO A 148 13.13 -22.25 -22.65
N GLY A 149 12.02 -22.54 -21.95
CA GLY A 149 11.89 -23.75 -21.26
C GLY A 149 11.60 -23.61 -19.79
N LEU A 150 11.87 -24.69 -19.08
CA LEU A 150 11.48 -24.76 -17.66
C LEU A 150 12.68 -24.50 -16.75
N TYR A 151 12.48 -23.61 -15.75
CA TYR A 151 13.59 -23.21 -14.85
C TYR A 151 13.15 -23.50 -13.47
N LYS A 152 14.05 -24.06 -12.67
CA LYS A 152 13.80 -24.27 -11.23
C LYS A 152 14.88 -23.68 -10.40
N TRP A 153 14.47 -22.95 -9.33
CA TRP A 153 15.37 -22.51 -8.28
C TRP A 153 14.84 -23.08 -6.99
N THR A 154 15.75 -23.71 -6.25
CA THR A 154 15.44 -24.20 -4.90
C THR A 154 15.78 -23.16 -3.85
N SER A 155 15.36 -21.94 -4.09
CA SER A 155 15.76 -20.81 -3.32
C SER A 155 14.96 -19.61 -3.77
N THR A 156 15.00 -18.52 -3.07
CA THR A 156 14.65 -17.20 -3.55
C THR A 156 15.43 -16.86 -4.79
N LEU A 157 14.74 -16.11 -5.70
CA LEU A 157 15.29 -15.59 -6.92
C LEU A 157 15.38 -14.13 -6.91
N ASN A 158 16.58 -13.58 -7.13
CA ASN A 158 16.79 -12.17 -7.20
C ASN A 158 17.18 -11.77 -8.62
N ILE A 159 16.66 -10.60 -8.98
CA ILE A 159 16.88 -9.96 -10.29
C ILE A 159 17.35 -8.55 -10.09
N PRO A 160 18.69 -8.35 -9.84
CA PRO A 160 19.18 -7.07 -9.43
C PRO A 160 19.59 -6.17 -10.60
N THR A 161 19.76 -6.73 -11.80
CA THR A 161 20.00 -5.94 -12.97
C THR A 161 19.21 -6.50 -14.14
N ASP A 162 19.15 -5.73 -15.25
CA ASP A 162 18.33 -6.12 -16.40
C ASP A 162 18.59 -7.50 -16.92
N ILE A 163 17.51 -8.18 -17.29
CA ILE A 163 17.52 -9.48 -17.99
C ILE A 163 16.71 -9.49 -19.26
N THR A 164 17.02 -10.43 -20.16
CA THR A 164 16.31 -10.61 -21.39
C THR A 164 15.73 -11.98 -21.40
N ILE A 165 14.48 -12.11 -21.83
CA ILE A 165 13.83 -13.39 -22.11
C ILE A 165 13.72 -13.56 -23.66
N SER A 166 14.36 -14.58 -24.14
CA SER A 166 14.64 -14.70 -25.59
C SER A 166 14.20 -16.00 -26.20
N GLY A 167 13.32 -15.90 -27.16
CA GLY A 167 12.80 -17.03 -27.93
C GLY A 167 11.70 -16.62 -28.83
N SER A 168 11.02 -17.59 -29.45
CA SER A 168 9.99 -17.33 -30.42
C SER A 168 8.66 -16.86 -29.87
N SER A 169 7.79 -16.43 -30.79
CA SER A 169 6.46 -15.99 -30.46
C SER A 169 5.54 -17.05 -29.96
N THR A 170 5.93 -18.30 -30.05
CA THR A 170 5.11 -19.38 -29.55
C THR A 170 5.77 -20.17 -28.41
N ASP A 171 7.01 -19.82 -28.10
CA ASP A 171 7.74 -20.51 -27.06
C ASP A 171 7.18 -20.18 -25.65
N VAL A 172 7.44 -21.12 -24.76
CA VAL A 172 6.94 -21.07 -23.38
C VAL A 172 8.09 -21.02 -22.44
N TRP A 173 7.97 -20.21 -21.37
CA TRP A 173 8.89 -20.19 -20.28
C TRP A 173 8.04 -20.42 -18.99
N ILE A 174 8.54 -21.30 -18.14
CA ILE A 174 7.99 -21.51 -16.77
C ILE A 174 9.21 -21.37 -15.84
N PHE A 175 9.06 -20.50 -14.80
CA PHE A 175 10.08 -20.19 -13.85
C PHE A 175 9.52 -20.65 -12.47
N GLN A 176 10.12 -21.67 -11.86
CA GLN A 176 9.64 -22.21 -10.60
C GLN A 176 10.55 -21.64 -9.51
N VAL A 177 10.03 -20.93 -8.52
CA VAL A 177 10.82 -20.26 -7.48
C VAL A 177 10.40 -20.71 -6.11
N ALA A 178 11.28 -21.46 -5.39
CA ALA A 178 10.99 -21.97 -4.08
C ALA A 178 11.47 -20.93 -3.08
N GLY A 179 10.88 -19.76 -3.06
CA GLY A 179 11.31 -18.71 -2.21
C GLY A 179 10.63 -17.44 -2.67
N ASN A 180 11.19 -16.29 -2.32
CA ASN A 180 10.69 -15.02 -2.81
C ASN A 180 11.18 -14.74 -4.18
N LEU A 181 10.57 -13.81 -4.90
CA LEU A 181 11.04 -13.30 -6.24
C LEU A 181 11.25 -11.77 -5.97
N ASN A 182 12.46 -11.27 -6.10
CA ASN A 182 12.77 -9.91 -5.91
C ASN A 182 13.37 -9.32 -7.11
N MET A 183 12.83 -8.21 -7.60
CA MET A 183 13.45 -7.50 -8.69
C MET A 183 13.70 -6.06 -8.28
N SER A 184 14.87 -5.61 -8.54
CA SER A 184 15.35 -4.38 -8.01
C SER A 184 14.77 -3.14 -8.67
N SER A 185 14.88 -1.99 -8.01
CA SER A 185 14.43 -0.75 -8.65
C SER A 185 15.11 -0.56 -10.00
N ALA A 186 14.32 -0.01 -10.95
CA ALA A 186 14.77 0.30 -12.28
C ALA A 186 15.12 -0.86 -13.21
N VAL A 187 15.03 -2.08 -12.73
CA VAL A 187 15.34 -3.25 -13.54
C VAL A 187 14.25 -3.50 -14.59
N ARG A 188 14.75 -3.78 -15.74
CA ARG A 188 13.85 -4.06 -16.88
C ARG A 188 14.01 -5.49 -17.43
N ILE A 189 12.89 -6.23 -17.52
CA ILE A 189 12.84 -7.52 -18.30
C ILE A 189 12.51 -7.12 -19.72
N THR A 190 13.44 -7.43 -20.63
CA THR A 190 13.20 -7.29 -22.10
C THR A 190 12.88 -8.58 -22.77
N LEU A 191 12.26 -8.48 -23.95
CA LEU A 191 11.78 -9.60 -24.66
C LEU A 191 12.48 -9.57 -26.02
N ALA A 192 13.16 -10.66 -26.39
CA ALA A 192 13.90 -10.78 -27.67
C ALA A 192 13.30 -11.93 -28.46
N GLY A 193 13.39 -11.84 -29.81
CA GLY A 193 13.13 -12.93 -30.67
C GLY A 193 11.66 -13.17 -31.01
N GLY A 194 10.79 -12.34 -30.39
CA GLY A 194 9.39 -12.51 -30.40
C GLY A 194 8.69 -13.12 -29.21
N ALA A 195 9.47 -13.41 -28.17
CA ALA A 195 8.93 -13.89 -26.89
C ALA A 195 7.71 -13.06 -26.49
N GLN A 196 6.62 -13.73 -26.06
CA GLN A 196 5.46 -12.99 -25.58
C GLN A 196 5.12 -13.20 -24.11
N ALA A 197 4.67 -12.16 -23.42
CA ALA A 197 4.30 -12.18 -22.01
C ALA A 197 3.23 -13.20 -21.69
N LYS A 198 2.32 -13.44 -22.64
CA LYS A 198 1.22 -14.37 -22.37
C LYS A 198 1.77 -15.81 -22.26
N ASN A 199 2.97 -16.02 -22.79
CA ASN A 199 3.62 -17.36 -22.76
C ASN A 199 4.65 -17.55 -21.68
N ILE A 200 4.73 -16.64 -20.71
CA ILE A 200 5.70 -16.63 -19.64
C ILE A 200 4.92 -16.74 -18.35
N PHE A 201 5.42 -17.68 -17.52
CA PHE A 201 4.83 -17.92 -16.21
C PHE A 201 5.85 -17.99 -15.11
N TRP A 202 5.62 -17.20 -14.07
CA TRP A 202 6.42 -17.17 -12.85
C TRP A 202 5.59 -17.74 -11.70
N GLN A 203 6.11 -18.80 -11.08
CA GLN A 203 5.47 -19.45 -9.94
C GLN A 203 6.40 -19.23 -8.76
N THR A 204 5.86 -18.66 -7.69
CA THR A 204 6.63 -18.34 -6.52
C THR A 204 5.97 -18.84 -5.22
N ALA A 205 6.78 -19.56 -4.41
CA ALA A 205 6.21 -20.10 -3.18
C ALA A 205 6.09 -18.98 -2.11
N GLY A 206 6.93 -17.94 -2.23
CA GLY A 206 6.95 -16.76 -1.35
C GLY A 206 6.48 -15.50 -2.04
N ALA A 207 6.74 -14.35 -1.53
CA ALA A 207 6.20 -13.11 -2.10
C ALA A 207 6.97 -12.66 -3.26
N VAL A 208 6.34 -11.87 -4.18
CA VAL A 208 7.02 -11.23 -5.28
C VAL A 208 7.09 -9.75 -4.91
N THR A 209 8.29 -9.10 -5.11
CA THR A 209 8.48 -7.67 -4.79
C THR A 209 9.17 -7.05 -5.96
N LEU A 210 8.46 -6.12 -6.64
CA LEU A 210 9.03 -5.42 -7.79
C LEU A 210 9.24 -3.97 -7.50
N GLY A 211 10.51 -3.59 -7.68
CA GLY A 211 11.03 -2.38 -7.20
C GLY A 211 10.52 -1.14 -7.93
N SER A 212 10.69 0.05 -7.40
CA SER A 212 10.23 1.26 -8.06
C SER A 212 10.82 1.36 -9.44
N THR A 213 10.00 1.86 -10.37
CA THR A 213 10.31 1.95 -11.82
C THR A 213 10.79 0.68 -12.54
N SER A 214 10.71 -0.45 -11.89
CA SER A 214 11.03 -1.67 -12.64
C SER A 214 9.98 -1.98 -13.71
N HIS A 215 10.34 -2.83 -14.69
CA HIS A 215 9.42 -3.29 -15.73
C HIS A 215 9.48 -4.80 -15.85
N PHE A 216 8.34 -5.45 -15.66
CA PHE A 216 8.20 -6.90 -15.63
C PHE A 216 7.38 -7.36 -16.83
N GLU A 217 7.63 -8.60 -17.23
CA GLU A 217 6.95 -9.29 -18.31
C GLU A 217 6.56 -10.69 -17.81
N GLY A 218 5.29 -11.05 -18.00
CA GLY A 218 4.81 -12.37 -17.72
C GLY A 218 3.71 -12.51 -16.70
N ASN A 219 3.09 -13.68 -16.68
CA ASN A 219 2.13 -14.06 -15.65
C ASN A 219 2.82 -14.38 -14.36
N ILE A 220 2.33 -13.84 -13.25
CA ILE A 220 2.92 -14.15 -11.89
C ILE A 220 1.80 -14.97 -11.13
N LEU A 221 2.19 -16.16 -10.66
CA LEU A 221 1.34 -17.02 -9.85
C LEU A 221 2.10 -17.10 -8.50
N SER A 222 1.71 -16.26 -7.57
CA SER A 222 2.31 -16.15 -6.23
C SER A 222 1.49 -16.93 -5.26
N GLN A 223 2.15 -17.75 -4.41
CA GLN A 223 1.43 -18.38 -3.31
C GLN A 223 1.08 -17.44 -2.20
N THR A 224 1.78 -16.33 -2.17
CA THR A 224 1.43 -15.27 -1.17
C THR A 224 1.15 -13.96 -1.92
N GLY A 225 1.93 -12.94 -1.61
CA GLY A 225 1.67 -11.62 -2.09
C GLY A 225 2.46 -11.25 -3.34
N ILE A 226 1.95 -10.23 -4.02
CA ILE A 226 2.69 -9.56 -5.14
C ILE A 226 2.62 -8.08 -4.88
N ASN A 227 3.77 -7.43 -4.82
CA ASN A 227 3.94 -6.04 -4.38
C ASN A 227 4.75 -5.28 -5.35
N MET A 228 4.17 -4.22 -5.91
CA MET A 228 4.88 -3.37 -6.82
C MET A 228 5.05 -2.01 -6.17
N LYS A 229 6.23 -1.45 -6.38
CA LYS A 229 6.55 -0.13 -5.78
C LYS A 229 6.42 0.97 -6.79
N THR A 230 6.59 2.23 -6.36
CA THR A 230 6.21 3.40 -7.16
C THR A 230 6.67 3.35 -8.61
N ALA A 231 5.68 3.48 -9.54
CA ALA A 231 5.92 3.66 -10.99
C ALA A 231 6.50 2.43 -11.67
N ALA A 232 6.56 1.30 -11.00
CA ALA A 232 6.85 0.06 -11.67
C ALA A 232 5.74 -0.17 -12.69
N SER A 233 6.08 -1.08 -13.60
CA SER A 233 5.12 -1.49 -14.70
C SER A 233 5.24 -2.96 -14.97
N ILE A 234 4.12 -3.50 -15.45
CA ILE A 234 4.09 -4.94 -15.88
C ILE A 234 3.14 -5.15 -17.05
N ASN A 235 3.65 -5.95 -17.99
CA ASN A 235 2.79 -6.55 -19.04
C ASN A 235 2.65 -8.02 -18.57
N GLY A 236 1.45 -8.35 -18.17
CA GLY A 236 1.24 -9.66 -17.55
C GLY A 236 0.05 -9.64 -16.62
N ARG A 237 0.04 -10.57 -15.69
CA ARG A 237 -1.07 -10.75 -14.73
C ARG A 237 -0.52 -10.90 -13.38
N MET A 238 -1.27 -10.48 -12.34
CA MET A 238 -0.81 -10.52 -10.93
C MET A 238 -1.82 -11.43 -10.22
N MET A 239 -1.51 -12.73 -10.10
CA MET A 239 -2.42 -13.70 -9.48
C MET A 239 -1.82 -14.16 -8.16
N ALA A 240 -2.39 -13.61 -7.09
CA ALA A 240 -1.84 -13.76 -5.74
C ALA A 240 -2.81 -14.58 -4.91
N GLN A 241 -2.26 -15.50 -4.09
CA GLN A 241 -3.12 -16.24 -3.22
C GLN A 241 -3.26 -15.54 -1.87
N THR A 242 -2.50 -14.48 -1.60
CA THR A 242 -2.88 -13.50 -0.58
C THR A 242 -3.32 -12.20 -1.22
N ALA A 243 -2.49 -11.18 -1.11
CA ALA A 243 -2.85 -9.83 -1.51
C ALA A 243 -1.86 -9.24 -2.50
N VAL A 244 -2.35 -8.27 -3.28
CA VAL A 244 -1.54 -7.54 -4.16
C VAL A 244 -1.51 -6.10 -3.62
N THR A 245 -0.34 -5.49 -3.69
CA THR A 245 -0.17 -4.04 -3.37
C THR A 245 0.52 -3.31 -4.48
N LEU A 246 0.01 -2.14 -4.72
CA LEU A 246 0.40 -1.31 -5.85
C LEU A 246 0.69 0.11 -5.35
N GLN A 247 1.62 0.73 -6.07
CA GLN A 247 1.95 2.16 -5.89
C GLN A 247 2.19 2.82 -7.23
N MET A 248 1.13 3.46 -7.76
CA MET A 248 1.25 4.12 -9.05
C MET A 248 1.81 3.28 -10.12
N ASN A 249 1.22 2.13 -10.38
CA ASN A 249 1.71 1.18 -11.35
C ASN A 249 0.90 1.16 -12.59
N THR A 250 1.62 0.86 -13.63
CA THR A 250 0.96 0.43 -14.93
C THR A 250 0.88 -1.07 -15.11
N VAL A 251 -0.32 -1.57 -15.04
CA VAL A 251 -0.51 -3.02 -15.14
C VAL A 251 -1.36 -3.34 -16.33
N THR A 252 -0.73 -4.00 -17.31
CA THR A 252 -1.49 -4.29 -18.57
C THR A 252 -1.60 -5.74 -18.91
N ILE A 253 -2.83 -6.21 -18.92
CA ILE A 253 -3.05 -7.59 -19.26
C ILE A 253 -2.55 -7.88 -20.67
N PRO A 254 -1.98 -9.07 -20.89
CA PRO A 254 -1.59 -9.36 -22.27
C PRO A 254 -2.76 -9.41 -23.26
N GLN A 255 -2.37 -9.27 -24.53
CA GLN A 255 -3.21 -9.23 -25.76
C GLN A 255 -4.27 -8.15 -25.70
N SER B 30 -6.90 20.24 37.88
CA SER B 30 -8.18 20.99 37.87
C SER B 30 -8.39 21.53 36.47
N GLY B 31 -9.54 22.10 36.19
CA GLY B 31 -9.79 22.53 34.81
C GLY B 31 -10.41 21.47 33.92
N GLN B 32 -10.00 21.43 32.67
CA GLN B 32 -10.69 20.58 31.73
C GLN B 32 -10.44 19.14 32.12
N THR B 33 -11.50 18.30 32.08
CA THR B 33 -11.40 16.94 32.60
C THR B 33 -10.96 15.93 31.51
N LEU B 34 -11.17 16.24 30.26
CA LEU B 34 -10.72 15.33 29.21
C LEU B 34 -9.22 15.19 29.13
N ASP B 35 -8.73 13.99 29.40
CA ASP B 35 -7.30 13.74 29.39
C ASP B 35 -6.71 13.62 27.99
N LEU B 36 -5.48 14.08 27.86
CA LEU B 36 -4.73 13.84 26.64
C LEU B 36 -4.64 12.35 26.36
N VAL B 37 -4.38 12.06 25.06
CA VAL B 37 -4.05 10.70 24.59
C VAL B 37 -2.52 10.60 24.75
N ASN B 38 -2.07 9.63 25.52
CA ASN B 38 -0.68 9.25 25.63
C ASN B 38 -0.17 8.49 24.43
N LEU B 39 0.77 9.06 23.67
CA LEU B 39 1.34 8.37 22.56
C LEU B 39 2.51 7.50 22.88
N GLY B 40 3.05 7.59 24.10
CA GLY B 40 4.26 6.82 24.39
C GLY B 40 5.43 7.18 23.48
N VAL B 41 6.17 6.17 23.03
CA VAL B 41 7.34 6.39 22.21
C VAL B 41 6.89 6.85 20.81
N ALA B 42 5.63 6.61 20.38
CA ALA B 42 5.17 7.16 19.11
C ALA B 42 5.23 8.69 19.05
N ALA B 43 5.29 9.37 20.24
CA ALA B 43 5.41 10.82 20.22
C ALA B 43 6.71 11.27 19.57
N ASN B 44 7.68 10.38 19.45
CA ASN B 44 8.96 10.76 18.93
C ASN B 44 9.06 10.74 17.46
N PHE B 45 7.95 10.50 16.78
CA PHE B 45 7.88 10.43 15.33
C PHE B 45 6.96 11.48 14.72
N ALA B 46 7.42 12.09 13.61
CA ALA B 46 6.46 12.84 12.73
C ALA B 46 5.58 11.87 11.94
N ILE B 47 6.11 10.69 11.55
CA ILE B 47 5.41 9.70 10.76
C ILE B 47 5.84 8.32 11.29
N LEU B 48 4.83 7.48 11.61
CA LEU B 48 5.03 6.18 12.02
C LEU B 48 3.96 5.33 11.35
N SER B 49 4.37 4.22 10.76
CA SER B 49 3.40 3.30 10.13
C SER B 49 3.87 1.88 10.23
N LYS B 50 2.98 0.98 9.74
CA LYS B 50 3.28 -0.44 9.78
C LYS B 50 3.70 -1.11 8.49
N THR B 51 3.14 -0.60 7.40
CA THR B 51 3.34 -1.24 6.11
C THR B 51 4.13 -0.38 5.12
N GLY B 52 4.39 0.88 5.42
CA GLY B 52 5.29 1.61 4.56
C GLY B 52 5.08 3.11 4.58
N ILE B 53 6.12 3.82 4.14
CA ILE B 53 6.04 5.30 4.01
C ILE B 53 6.63 5.57 2.64
N THR B 54 5.82 6.25 1.79
CA THR B 54 6.22 6.55 0.41
C THR B 54 6.06 7.99 0.11
N ASP B 55 7.02 8.45 -0.66
CA ASP B 55 7.07 9.80 -1.05
C ASP B 55 7.26 9.91 -2.57
N VAL B 56 6.64 10.90 -3.13
CA VAL B 56 7.00 11.42 -4.45
C VAL B 56 7.16 12.93 -4.45
N TYR B 57 8.11 13.38 -5.23
CA TYR B 57 8.53 14.76 -5.34
C TYR B 57 9.29 15.08 -4.07
N LYS B 58 9.54 16.33 -3.77
CA LYS B 58 10.37 16.66 -2.63
C LYS B 58 9.55 17.19 -1.43
N SER B 59 9.36 16.34 -0.42
CA SER B 59 8.73 16.70 0.84
C SER B 59 9.74 17.33 1.82
N ALA B 60 9.21 17.97 2.78
CA ALA B 60 10.04 18.47 3.86
C ALA B 60 9.46 18.06 5.18
N ILE B 61 10.10 17.07 5.79
CA ILE B 61 9.67 16.50 7.05
C ILE B 61 10.56 16.93 8.18
N THR B 62 9.95 17.34 9.29
CA THR B 62 10.65 17.70 10.53
C THR B 62 10.21 16.68 11.55
N GLY B 63 11.18 15.97 12.15
CA GLY B 63 10.91 14.86 12.95
C GLY B 63 11.31 13.52 12.39
N ASP B 64 11.40 12.54 13.24
CA ASP B 64 11.75 11.20 12.82
C ASP B 64 10.59 10.48 12.18
N ILE B 65 10.97 9.53 11.30
CA ILE B 65 10.00 8.65 10.62
C ILE B 65 10.38 7.20 10.83
N GLY B 66 9.36 6.35 10.97
CA GLY B 66 9.60 4.96 11.24
C GLY B 66 8.55 4.02 10.67
N VAL B 67 9.00 2.80 10.38
N VAL B 67 8.99 2.81 10.33
CA VAL B 67 8.14 1.73 9.92
CA VAL B 67 8.12 1.72 9.93
C VAL B 67 8.47 0.41 10.64
C VAL B 67 8.46 0.41 10.62
N SER B 68 7.41 -0.31 11.03
CA SER B 68 7.52 -1.62 11.67
C SER B 68 6.14 -2.23 11.69
N PRO B 69 5.98 -3.52 11.35
CA PRO B 69 7.06 -4.50 11.15
C PRO B 69 7.70 -4.53 9.77
N ALA B 70 7.19 -3.73 8.84
CA ALA B 70 7.88 -3.66 7.52
C ALA B 70 9.30 -3.13 7.63
N ALA B 71 10.10 -3.54 6.67
CA ALA B 71 11.52 -3.19 6.67
C ALA B 71 11.73 -1.92 5.88
N ALA B 72 12.99 -1.53 5.79
CA ALA B 72 13.36 -0.24 5.14
C ALA B 72 13.08 -0.22 3.63
N THR B 73 12.96 -1.39 3.04
CA THR B 73 12.61 -1.52 1.62
C THR B 73 11.21 -0.90 1.37
N TYR B 74 10.40 -0.72 2.43
CA TYR B 74 9.10 -0.10 2.34
C TYR B 74 9.09 1.39 2.72
N ILE B 75 10.29 1.96 2.83
CA ILE B 75 10.46 3.45 2.93
C ILE B 75 10.93 3.82 1.55
N THR B 76 10.08 4.47 0.77
CA THR B 76 10.34 4.58 -0.70
C THR B 76 10.18 6.02 -1.15
N GLY B 77 11.14 6.47 -1.93
CA GLY B 77 11.12 7.81 -2.53
C GLY B 77 11.82 8.92 -1.74
N PHE B 78 12.46 8.47 -0.66
CA PHE B 78 13.19 9.41 0.20
C PHE B 78 14.68 9.58 -0.17
N GLY B 79 15.19 8.84 -1.15
CA GLY B 79 16.64 8.91 -1.43
C GLY B 79 17.44 8.53 -0.18
N LEU B 80 16.96 7.48 0.46
CA LEU B 80 17.45 6.95 1.75
C LEU B 80 18.90 6.57 1.60
N THR B 81 19.76 7.07 2.46
CA THR B 81 21.13 6.60 2.54
C THR B 81 21.41 6.05 3.93
N GLN B 82 22.09 4.93 3.94
CA GLN B 82 22.54 4.38 5.17
C GLN B 82 24.00 4.03 5.04
N ASP B 83 24.85 5.05 5.26
CA ASP B 83 26.29 4.96 4.98
C ASP B 83 27.17 5.09 6.23
N SER B 84 26.54 5.30 7.39
CA SER B 84 27.25 5.62 8.61
C SER B 84 26.82 4.76 9.82
N SER B 85 25.55 4.61 9.93
CA SER B 85 24.94 3.99 11.05
C SER B 85 24.23 2.78 10.56
N THR B 86 24.11 1.73 11.37
CA THR B 86 23.23 0.63 11.13
C THR B 86 21.89 0.75 11.89
N THR B 87 21.73 1.76 12.75
CA THR B 87 20.49 1.94 13.58
C THR B 87 19.44 2.88 12.89
N TYR B 88 19.88 3.67 11.93
CA TYR B 88 19.02 4.66 11.27
C TYR B 88 19.56 4.94 9.86
N ALA B 89 18.73 5.62 9.07
CA ALA B 89 19.08 6.16 7.80
C ALA B 89 18.77 7.61 7.72
N THR B 90 19.33 8.24 6.70
CA THR B 90 19.13 9.65 6.44
C THR B 90 18.46 9.92 5.08
N SER B 91 17.82 11.06 5.02
CA SER B 91 17.28 11.61 3.77
C SER B 91 17.41 13.11 3.69
N PRO B 92 17.68 13.67 2.50
CA PRO B 92 17.65 15.16 2.35
C PRO B 92 16.28 15.75 2.62
N GLN B 93 15.20 14.97 2.53
CA GLN B 93 13.91 15.50 2.78
C GLN B 93 13.43 15.48 4.22
N VAL B 94 14.28 14.91 5.08
CA VAL B 94 13.89 14.74 6.48
C VAL B 94 14.92 15.45 7.41
N THR B 95 14.45 16.42 8.18
CA THR B 95 15.27 16.97 9.29
C THR B 95 14.92 16.08 10.48
N GLY B 96 15.62 14.96 10.55
CA GLY B 96 15.31 13.88 11.45
C GLY B 96 15.91 12.65 10.85
N LEU B 97 15.55 11.56 11.49
CA LEU B 97 16.15 10.25 11.12
C LEU B 97 15.11 9.19 10.79
N ILE B 98 15.52 8.28 9.93
CA ILE B 98 14.61 7.22 9.43
C ILE B 98 14.99 5.91 10.14
N TYR B 99 13.96 5.24 10.68
CA TYR B 99 14.07 4.03 11.43
C TYR B 99 13.21 2.93 10.70
N ALA B 100 13.69 1.68 10.62
CA ALA B 100 12.95 0.54 10.05
C ALA B 100 13.24 -0.72 10.80
N ALA B 101 12.33 -1.66 10.72
CA ALA B 101 12.32 -2.86 11.56
C ALA B 101 13.57 -3.70 11.45
N ASP B 102 14.27 -3.56 10.32
CA ASP B 102 15.44 -4.41 10.00
C ASP B 102 16.77 -3.81 10.39
N TYR B 103 16.74 -2.65 11.02
CA TYR B 103 17.95 -2.02 11.44
C TYR B 103 18.46 -2.67 12.74
N SER B 104 19.65 -2.25 13.20
CA SER B 104 20.29 -2.84 14.38
C SER B 104 19.73 -2.26 15.68
N THR B 105 20.00 -2.99 16.74
CA THR B 105 19.69 -2.57 18.10
C THR B 105 20.10 -1.15 18.42
N PRO B 106 19.20 -0.35 18.99
CA PRO B 106 17.93 -0.69 19.65
C PRO B 106 16.71 -0.54 18.73
N THR B 107 16.94 -0.26 17.42
CA THR B 107 15.79 0.16 16.58
C THR B 107 14.62 -0.82 16.44
N PRO B 108 14.89 -2.13 16.22
CA PRO B 108 13.72 -3.02 16.13
C PRO B 108 12.84 -2.98 17.35
N SER B 109 13.48 -3.03 18.52
CA SER B 109 12.64 -3.15 19.73
C SER B 109 11.95 -1.83 19.99
N ARG B 110 12.63 -0.71 19.76
CA ARG B 110 12.02 0.56 19.97
C ARG B 110 10.84 0.81 19.02
N LEU B 111 10.98 0.32 17.80
CA LEU B 111 9.88 0.44 16.80
C LEU B 111 8.70 -0.42 17.25
N THR B 112 8.99 -1.66 17.69
CA THR B 112 7.90 -2.52 18.13
C THR B 112 7.17 -1.86 19.24
N THR B 113 7.96 -1.25 20.17
CA THR B 113 7.29 -0.54 21.25
C THR B 113 6.41 0.62 20.72
N ALA B 114 7.05 1.43 19.87
CA ALA B 114 6.37 2.60 19.31
C ALA B 114 5.09 2.17 18.63
N VAL B 115 5.09 1.18 17.76
CA VAL B 115 3.87 0.69 17.14
C VAL B 115 2.83 0.21 18.14
N GLY B 116 3.34 -0.56 19.12
CA GLY B 116 2.45 -1.00 20.19
C GLY B 116 1.86 0.20 20.96
N ASP B 117 2.55 1.31 21.07
CA ASP B 117 1.99 2.49 21.68
C ASP B 117 1.06 3.20 20.79
N MET B 118 1.33 3.29 19.50
CA MET B 118 0.28 3.72 18.56
C MET B 118 -1.02 2.94 18.69
N GLN B 119 -0.93 1.62 18.79
CA GLN B 119 -2.16 0.83 18.86
C GLN B 119 -2.86 1.15 20.13
N ILE B 120 -2.09 1.20 21.24
CA ILE B 120 -2.75 1.62 22.54
C ILE B 120 -3.42 3.03 22.45
N ALA B 121 -2.73 4.00 21.83
CA ALA B 121 -3.29 5.35 21.74
C ALA B 121 -4.53 5.33 20.84
N TYR B 122 -4.50 4.57 19.76
CA TYR B 122 -5.64 4.44 18.94
C TYR B 122 -6.89 3.95 19.66
N ASP B 123 -6.69 2.85 20.35
CA ASP B 123 -7.75 2.32 21.17
C ASP B 123 -8.17 3.32 22.20
N ASN B 124 -7.21 4.00 22.82
CA ASN B 124 -7.52 4.89 23.98
C ASN B 124 -8.36 6.05 23.45
N ALA B 125 -8.02 6.66 22.33
CA ALA B 125 -8.85 7.72 21.74
C ALA B 125 -10.21 7.22 21.30
N ALA B 126 -10.27 6.07 20.59
CA ALA B 126 -11.53 5.48 20.16
C ALA B 126 -12.44 5.13 21.29
N GLY B 127 -11.84 4.84 22.46
CA GLY B 127 -12.63 4.31 23.58
C GLY B 127 -13.14 5.32 24.56
N ARG B 128 -12.88 6.62 24.36
CA ARG B 128 -13.45 7.61 25.27
C ARG B 128 -14.93 7.68 25.13
N LEU B 129 -15.59 7.95 26.26
CA LEU B 129 -17.05 7.96 26.36
C LEU B 129 -17.59 9.33 26.75
N ASN B 130 -18.89 9.54 26.63
CA ASN B 130 -19.53 10.82 27.02
C ASN B 130 -19.04 11.96 26.11
N PRO B 131 -19.32 11.82 24.81
CA PRO B 131 -18.82 12.86 23.93
C PRO B 131 -19.56 14.17 24.20
N ASP B 132 -18.86 15.27 23.99
CA ASP B 132 -19.40 16.62 24.05
C ASP B 132 -20.22 16.91 22.81
N PHE B 133 -19.88 16.29 21.67
CA PHE B 133 -20.62 16.52 20.43
C PHE B 133 -20.80 15.21 19.75
N LEU B 134 -21.96 14.97 19.16
CA LEU B 134 -22.28 13.70 18.55
C LEU B 134 -22.86 14.00 17.18
N ASN B 135 -22.19 13.49 16.15
CA ASN B 135 -22.64 13.62 14.75
C ASN B 135 -22.87 15.04 14.38
N LEU B 136 -21.93 15.87 14.80
CA LEU B 136 -21.92 17.29 14.42
C LEU B 136 -21.95 17.44 12.93
N GLY B 137 -22.83 18.30 12.41
CA GLY B 137 -22.92 18.47 10.99
C GLY B 137 -23.37 17.28 10.18
N ALA B 138 -23.87 16.23 10.85
CA ALA B 138 -24.20 14.97 10.18
C ALA B 138 -22.97 14.47 9.39
N GLY B 139 -21.75 14.78 9.85
CA GLY B 139 -20.61 14.24 9.14
C GLY B 139 -19.89 15.15 8.17
N THR B 140 -20.41 16.37 7.97
CA THR B 140 -19.70 17.39 7.17
C THR B 140 -19.71 18.68 7.91
N ILE B 141 -18.49 19.18 8.15
CA ILE B 141 -18.27 20.24 9.16
C ILE B 141 -17.56 21.49 8.60
N GLY B 142 -17.53 21.66 7.29
CA GLY B 142 -16.95 22.88 6.71
C GLY B 142 -17.50 24.15 7.37
N GLY B 143 -16.65 25.10 7.73
CA GLY B 143 -17.10 26.36 8.27
C GLY B 143 -17.34 26.40 9.77
N LYS B 144 -17.25 25.27 10.44
CA LYS B 144 -17.42 25.24 11.90
C LYS B 144 -16.23 25.64 12.69
N THR B 145 -16.50 26.10 13.88
CA THR B 145 -15.57 26.36 14.94
C THR B 145 -15.70 25.25 16.02
N LEU B 146 -14.65 24.46 16.21
CA LEU B 146 -14.66 23.31 17.09
C LEU B 146 -14.08 23.72 18.44
N THR B 147 -15.02 23.80 19.40
CA THR B 147 -14.63 24.19 20.72
C THR B 147 -14.04 22.91 21.47
N PRO B 148 -13.44 23.02 22.67
CA PRO B 148 -12.74 21.89 23.23
C PRO B 148 -13.62 20.66 23.51
N GLY B 149 -12.96 19.52 23.62
CA GLY B 149 -13.63 18.36 24.09
C GLY B 149 -13.62 17.19 23.14
N LEU B 150 -14.52 16.30 23.43
CA LEU B 150 -14.58 14.99 22.82
C LEU B 150 -15.71 14.97 21.76
N TYR B 151 -15.39 14.54 20.54
CA TYR B 151 -16.35 14.51 19.42
C TYR B 151 -16.45 13.14 18.86
N LYS B 152 -17.66 12.71 18.54
CA LYS B 152 -17.89 11.40 17.95
C LYS B 152 -18.76 11.54 16.74
N TRP B 153 -18.33 10.86 15.67
CA TRP B 153 -19.09 10.71 14.44
C TRP B 153 -19.21 9.24 14.20
N THR B 154 -20.47 8.86 14.05
CA THR B 154 -20.73 7.48 13.68
C THR B 154 -20.78 7.30 12.16
N SER B 155 -19.80 7.85 11.48
CA SER B 155 -19.79 7.95 10.04
C SER B 155 -18.43 8.48 9.63
N THR B 156 -18.16 8.48 8.34
CA THR B 156 -17.09 9.31 7.68
C THR B 156 -17.30 10.78 8.06
N LEU B 157 -16.14 11.46 8.23
CA LEU B 157 -16.11 12.90 8.42
C LEU B 157 -15.52 13.59 7.22
N ASN B 158 -16.25 14.55 6.69
CA ASN B 158 -15.80 15.38 5.64
C ASN B 158 -15.57 16.78 6.08
N ILE B 159 -14.44 17.36 5.60
CA ILE B 159 -14.02 18.76 5.87
C ILE B 159 -13.83 19.48 4.54
N PRO B 160 -14.94 20.02 3.92
CA PRO B 160 -14.87 20.49 2.57
C PRO B 160 -14.53 22.02 2.55
N THR B 161 -14.65 22.72 3.69
CA THR B 161 -14.22 24.09 3.73
C THR B 161 -13.52 24.35 5.06
N ASP B 162 -12.87 25.52 5.13
CA ASP B 162 -12.07 25.82 6.31
C ASP B 162 -12.80 25.70 7.63
N ILE B 163 -12.08 25.19 8.62
CA ILE B 163 -12.57 25.11 10.00
C ILE B 163 -11.55 25.71 10.97
N THR B 164 -12.03 26.13 12.13
CA THR B 164 -11.20 26.61 13.25
C THR B 164 -11.40 25.71 14.47
N ILE B 165 -10.28 25.36 15.10
CA ILE B 165 -10.26 24.70 16.39
C ILE B 165 -9.91 25.78 17.41
N SER B 166 -10.79 25.99 18.35
CA SER B 166 -10.68 27.15 19.28
C SER B 166 -10.80 26.75 20.74
N GLY B 167 -9.75 27.11 21.49
CA GLY B 167 -9.64 26.88 22.91
C GLY B 167 -8.26 27.27 23.43
N SER B 168 -7.99 26.93 24.67
CA SER B 168 -6.81 27.36 25.33
C SER B 168 -5.58 26.55 24.93
N SER B 169 -4.43 27.04 25.34
CA SER B 169 -3.14 26.39 25.21
C SER B 169 -2.98 25.08 25.89
N THR B 170 -3.87 24.73 26.78
CA THR B 170 -3.79 23.45 27.48
C THR B 170 -5.00 22.54 27.24
N ASP B 171 -6.00 23.08 26.56
CA ASP B 171 -7.18 22.30 26.24
C ASP B 171 -6.88 21.17 25.23
N VAL B 172 -7.72 20.13 25.34
CA VAL B 172 -7.60 18.88 24.57
C VAL B 172 -8.80 18.77 23.70
N TRP B 173 -8.59 18.24 22.49
CA TRP B 173 -9.61 17.86 21.56
C TRP B 173 -9.36 16.41 21.12
N ILE B 174 -10.41 15.62 21.17
CA ILE B 174 -10.36 14.23 20.61
C ILE B 174 -11.50 14.10 19.67
N PHE B 175 -11.21 13.65 18.40
CA PHE B 175 -12.17 13.53 17.36
C PHE B 175 -12.23 12.05 16.98
N GLN B 176 -13.38 11.40 17.27
CA GLN B 176 -13.53 10.00 17.02
C GLN B 176 -14.29 9.84 15.69
N VAL B 177 -13.72 9.21 14.68
CA VAL B 177 -14.35 9.09 13.38
C VAL B 177 -14.51 7.63 12.97
N ALA B 178 -15.76 7.18 12.87
CA ALA B 178 -16.10 5.80 12.55
C ALA B 178 -16.28 5.73 11.01
N GLY B 179 -15.26 6.06 10.24
CA GLY B 179 -15.29 6.06 8.83
C GLY B 179 -14.00 6.62 8.33
N ASN B 180 -14.05 7.16 7.13
CA ASN B 180 -12.89 7.85 6.58
C ASN B 180 -12.83 9.31 7.06
N LEU B 181 -11.70 10.01 6.99
CA LEU B 181 -11.61 11.45 7.24
C LEU B 181 -11.10 12.03 5.91
N ASN B 182 -11.91 12.92 5.32
CA ASN B 182 -11.61 13.57 4.09
C ASN B 182 -11.56 15.03 4.22
N MET B 183 -10.43 15.61 3.85
CA MET B 183 -10.33 17.01 3.80
C MET B 183 -9.99 17.51 2.42
N SER B 184 -10.74 18.45 1.96
CA SER B 184 -10.67 18.84 0.61
C SER B 184 -9.47 19.69 0.24
N SER B 185 -9.22 19.79 -1.03
CA SER B 185 -8.09 20.60 -1.50
C SER B 185 -8.23 22.05 -1.02
N ALA B 186 -7.09 22.67 -0.66
CA ALA B 186 -7.05 24.02 -0.25
C ALA B 186 -7.63 24.38 1.16
N VAL B 187 -8.26 23.41 1.83
CA VAL B 187 -8.84 23.59 3.14
C VAL B 187 -7.77 23.79 4.19
N ARG B 188 -8.03 24.75 5.04
CA ARG B 188 -7.14 25.03 6.15
C ARG B 188 -7.84 24.83 7.48
N ILE B 189 -7.16 24.12 8.39
CA ILE B 189 -7.54 24.11 9.83
C ILE B 189 -6.72 25.18 10.50
N THR B 190 -7.41 26.15 11.09
CA THR B 190 -6.79 27.22 11.91
C THR B 190 -7.01 26.98 13.38
N LEU B 191 -6.16 27.63 14.19
CA LEU B 191 -6.12 27.45 15.60
C LEU B 191 -6.39 28.81 16.22
N ALA B 192 -7.43 28.88 17.06
CA ALA B 192 -7.82 30.12 17.79
C ALA B 192 -7.64 29.90 19.28
N GLY B 193 -7.33 30.99 19.99
CA GLY B 193 -7.37 31.05 21.38
C GLY B 193 -6.14 30.53 22.12
N GLY B 194 -5.18 30.01 21.36
CA GLY B 194 -4.06 29.31 21.93
C GLY B 194 -4.03 27.80 21.79
N ALA B 195 -5.07 27.24 21.18
CA ALA B 195 -5.11 25.81 20.87
C ALA B 195 -3.84 25.36 20.28
N GLN B 196 -3.35 24.22 20.72
CA GLN B 196 -2.12 23.66 20.17
C GLN B 196 -2.28 22.26 19.51
N ALA B 197 -1.54 22.00 18.40
CA ALA B 197 -1.60 20.74 17.66
C ALA B 197 -1.26 19.55 18.53
N LYS B 198 -0.36 19.72 19.50
CA LYS B 198 0.07 18.59 20.31
C LYS B 198 -1.05 18.06 21.19
N ASN B 199 -2.04 18.92 21.38
CA ASN B 199 -3.22 18.64 22.23
C ASN B 199 -4.44 18.22 21.46
N ILE B 200 -4.28 17.91 20.15
CA ILE B 200 -5.39 17.56 19.23
C ILE B 200 -5.13 16.17 18.74
N PHE B 201 -6.17 15.33 18.81
CA PHE B 201 -6.07 13.96 18.36
C PHE B 201 -7.24 13.55 17.47
N TRP B 202 -6.92 13.08 16.27
CA TRP B 202 -7.88 12.52 15.34
C TRP B 202 -7.75 11.01 15.22
N GLN B 203 -8.84 10.32 15.52
CA GLN B 203 -8.88 8.85 15.46
C GLN B 203 -9.84 8.43 14.35
N THR B 204 -9.33 7.65 13.42
CA THR B 204 -10.10 7.27 12.25
C THR B 204 -10.11 5.76 12.09
N ALA B 205 -11.32 5.19 11.94
CA ALA B 205 -11.39 3.76 11.70
C ALA B 205 -11.03 3.40 10.22
N GLY B 206 -11.18 4.37 9.30
CA GLY B 206 -10.89 4.26 7.86
C GLY B 206 -9.73 5.14 7.47
N ALA B 207 -9.57 5.45 6.25
CA ALA B 207 -8.39 6.15 5.81
C ALA B 207 -8.56 7.64 5.93
N VAL B 208 -7.43 8.34 6.06
CA VAL B 208 -7.38 9.82 6.04
C VAL B 208 -6.87 10.24 4.67
N THR B 209 -7.57 11.23 4.04
CA THR B 209 -7.19 11.79 2.68
C THR B 209 -7.09 13.27 2.88
N LEU B 210 -5.90 13.84 2.72
CA LEU B 210 -5.73 15.27 2.82
C LEU B 210 -5.39 15.84 1.50
N GLY B 211 -6.29 16.72 1.08
CA GLY B 211 -6.25 17.21 -0.21
C GLY B 211 -5.14 18.11 -0.62
N SER B 212 -4.86 18.24 -1.91
CA SER B 212 -3.79 19.08 -2.39
C SER B 212 -3.91 20.50 -1.77
N THR B 213 -2.75 21.11 -1.39
CA THR B 213 -2.54 22.37 -0.66
C THR B 213 -3.40 22.51 0.62
N SER B 214 -4.07 21.48 1.10
CA SER B 214 -4.67 21.62 2.40
C SER B 214 -3.63 21.81 3.51
N HIS B 215 -4.13 22.31 4.67
CA HIS B 215 -3.31 22.51 5.87
C HIS B 215 -4.00 21.95 7.10
N PHE B 216 -3.37 20.94 7.69
CA PHE B 216 -3.90 20.16 8.79
C PHE B 216 -3.21 20.52 10.11
N GLU B 217 -3.93 20.36 11.21
CA GLU B 217 -3.39 20.55 12.60
C GLU B 217 -3.82 19.34 13.43
N GLY B 218 -2.84 18.69 14.09
CA GLY B 218 -3.11 17.66 15.02
C GLY B 218 -2.46 16.33 14.79
N ASN B 219 -2.53 15.46 15.79
CA ASN B 219 -2.13 14.09 15.67
C ASN B 219 -3.17 13.29 14.96
N ILE B 220 -2.77 12.44 14.01
CA ILE B 220 -3.73 11.56 13.31
C ILE B 220 -3.33 10.09 13.70
N LEU B 221 -4.31 9.39 14.24
CA LEU B 221 -4.19 7.96 14.60
C LEU B 221 -5.17 7.28 13.64
N SER B 222 -4.65 6.78 12.56
CA SER B 222 -5.45 6.11 11.54
C SER B 222 -5.37 4.64 11.71
N GLN B 223 -6.54 3.93 11.61
CA GLN B 223 -6.49 2.45 11.62
C GLN B 223 -6.02 1.91 10.30
N THR B 224 -6.11 2.73 9.27
CA THR B 224 -5.58 2.33 7.99
C THR B 224 -4.53 3.29 7.48
N GLY B 225 -4.76 3.89 6.32
CA GLY B 225 -3.75 4.69 5.74
C GLY B 225 -3.95 6.22 5.95
N ILE B 226 -2.91 6.97 5.71
CA ILE B 226 -2.96 8.48 5.70
C ILE B 226 -2.25 8.90 4.41
N ASN B 227 -3.01 9.53 3.49
CA ASN B 227 -2.54 9.91 2.17
C ASN B 227 -2.67 11.39 1.94
N MET B 228 -1.52 12.10 1.80
CA MET B 228 -1.53 13.51 1.58
C MET B 228 -1.23 13.74 0.13
N LYS B 229 -1.93 14.73 -0.43
CA LYS B 229 -1.80 15.03 -1.87
C LYS B 229 -0.97 16.27 -2.04
N THR B 230 -0.67 16.59 -3.27
CA THR B 230 0.37 17.55 -3.59
C THR B 230 0.32 18.85 -2.79
N ALA B 231 1.43 19.17 -2.12
CA ALA B 231 1.70 20.43 -1.46
C ALA B 231 0.77 20.72 -0.24
N ALA B 232 0.07 19.72 0.19
CA ALA B 232 -0.58 19.78 1.51
C ALA B 232 0.53 19.93 2.56
N SER B 233 0.04 20.38 3.75
CA SER B 233 0.94 20.58 4.96
C SER B 233 0.21 20.11 6.19
N ILE B 234 1.04 19.74 7.18
CA ILE B 234 0.46 19.35 8.47
C ILE B 234 1.45 19.69 9.61
N ASN B 235 0.89 20.31 10.66
CA ASN B 235 1.60 20.40 11.95
C ASN B 235 0.96 19.34 12.80
N GLY B 236 1.71 18.30 13.13
CA GLY B 236 1.08 17.11 13.73
C GLY B 236 1.97 15.91 13.55
N ARG B 237 1.29 14.77 13.62
CA ARG B 237 1.97 13.42 13.48
C ARG B 237 1.09 12.59 12.65
N MET B 238 1.66 11.67 11.86
CA MET B 238 0.89 10.80 10.96
C MET B 238 1.18 9.37 11.45
N MET B 239 0.24 8.78 12.18
CA MET B 239 0.42 7.49 12.77
C MET B 239 -0.57 6.56 12.23
N ALA B 240 -0.16 5.69 11.29
CA ALA B 240 -1.05 4.89 10.43
C ALA B 240 -0.75 3.44 10.79
N GLN B 241 -1.83 2.67 10.91
CA GLN B 241 -1.69 1.25 11.08
C GLN B 241 -1.52 0.52 9.78
N THR B 242 -1.71 1.13 8.64
CA THR B 242 -1.15 0.61 7.37
C THR B 242 0.01 1.56 6.90
N ALA B 243 -0.22 2.32 5.84
CA ALA B 243 0.82 3.10 5.16
C ALA B 243 0.49 4.57 5.15
N VAL B 244 1.56 5.37 5.05
CA VAL B 244 1.45 6.78 4.78
C VAL B 244 1.99 7.02 3.40
N THR B 245 1.30 7.84 2.60
CA THR B 245 1.88 8.31 1.34
C THR B 245 1.82 9.82 1.21
N LEU B 246 2.87 10.36 0.63
CA LEU B 246 3.12 11.79 0.53
C LEU B 246 3.34 12.18 -0.89
N GLN B 247 2.98 13.41 -1.21
CA GLN B 247 3.30 14.06 -2.48
C GLN B 247 3.70 15.51 -2.25
N MET B 248 5.03 15.71 -2.18
CA MET B 248 5.56 17.03 -1.91
C MET B 248 4.91 17.74 -0.75
N ASN B 249 4.98 17.17 0.47
CA ASN B 249 4.30 17.72 1.63
C ASN B 249 5.29 18.27 2.65
N THR B 250 4.79 19.25 3.35
CA THR B 250 5.46 19.74 4.61
C THR B 250 4.82 19.07 5.81
N VAL B 251 5.64 18.39 6.57
CA VAL B 251 5.18 17.60 7.71
C VAL B 251 6.04 17.97 8.88
N THR B 252 5.45 18.61 9.87
CA THR B 252 6.22 19.12 11.03
C THR B 252 5.74 18.64 12.32
N ILE B 253 6.58 17.87 13.01
CA ILE B 253 6.22 17.38 14.33
C ILE B 253 5.95 18.59 15.27
N PRO B 254 4.96 18.48 16.14
CA PRO B 254 4.88 19.55 17.19
C PRO B 254 6.12 19.66 18.09
S SO4 C . -11.23 3.98 -2.06
O1 SO4 C . -12.08 4.96 -1.37
O2 SO4 C . -12.20 3.24 -2.97
O3 SO4 C . -10.16 4.63 -2.84
O4 SO4 C . -10.67 3.04 -1.08
S SO4 D . 23.87 -15.75 -20.35
O1 SO4 D . 24.35 -14.36 -20.66
O2 SO4 D . 22.55 -15.81 -19.64
O3 SO4 D . 23.63 -16.33 -21.68
O4 SO4 D . 24.88 -16.50 -19.60
S SO4 E . 14.52 5.90 -2.94
O1 SO4 E . 14.14 7.31 -3.21
O2 SO4 E . 13.28 5.00 -2.98
O3 SO4 E . 15.51 5.36 -3.92
O4 SO4 E . 15.23 5.84 -1.59
S SO4 F . -20.40 26.61 14.41
O1 SO4 F . -20.62 27.34 15.63
O2 SO4 F . -21.59 25.87 13.97
O3 SO4 F . -19.24 25.70 14.69
O4 SO4 F . -20.04 27.65 13.40
NA NA G . 2.67 22.67 8.45
#